data_4NVQ
#
_entry.id   4NVQ
#
_cell.length_a   56.140
_cell.length_b   78.250
_cell.length_c   71.440
_cell.angle_alpha   90.000
_cell.angle_beta   92.610
_cell.angle_gamma   90.000
#
_symmetry.space_group_name_H-M   'P 1 21 1'
#
loop_
_entity.id
_entity.type
_entity.pdbx_description
1 polymer 'Histone-lysine N-methyltransferase EHMT2'
2 non-polymer "5'-methoxy-6'-[3-(pyrrolidin-1-yl)propoxy]spiro[cyclobutane-1,3'-indol]-2'-amine"
3 non-polymer S-ADENOSYL-L-HOMOCYSTEINE
4 non-polymer 'ZINC ION'
5 water water
#
_entity_poly.entity_id   1
_entity_poly.type   'polypeptide(L)'
_entity_poly.pdbx_seq_one_letter_code
;GSHMNRAIRTEKIICRDVARGYENVPIPCVNGVDGEPCPEDYKYISENCETSTMNIDRNITHLQHCTCVDDCSSSNCLCG
QLSIRCWYDKDGRLLQEFNKIEPPLIFECNQACSCWRNCKNRVVQSGIKVRLQLYRTAKMGWGVRALQTIPQGTFICEYV
GELISDAEADVREDDSYLFDLDNKDGEVYCIDARYYGNISRFINHLCDPNIIPVRVFMLHQDLRFPRIAFFSSRDIRTGE
ELGFDYGDRFWDIKSKYFTCQCGSEKCKHSAEAIALEQSRLARLD
;
_entity_poly.pdbx_strand_id   A,B
#
loop_
_chem_comp.id
_chem_comp.type
_chem_comp.name
_chem_comp.formula
2OD non-polymer 5'-methoxy-6'-[3-(pyrrolidin-1-yl)propoxy]spiro[cyclobutane-1,3'-indol]-2'-amine 'C19 H27 N3 O2'
ZN non-polymer 'ZINC ION' 'Zn 2'
#
# COMPACT_ATOMS: atom_id res chain seq x y z
N ILE A 8 36.88 12.29 9.16
CA ILE A 8 37.26 11.22 8.23
C ILE A 8 37.86 10.02 8.99
N ARG A 9 38.64 10.31 10.07
CA ARG A 9 39.27 9.29 10.92
C ARG A 9 38.21 8.54 11.74
N THR A 10 37.29 9.29 12.42
CA THR A 10 36.21 8.74 13.25
C THR A 10 34.92 8.54 12.44
N GLU A 11 34.17 7.45 12.74
CA GLU A 11 32.89 7.09 12.09
C GLU A 11 31.80 8.02 12.55
N LYS A 12 31.19 8.75 11.60
CA LYS A 12 30.14 9.71 11.88
C LYS A 12 28.79 9.28 11.30
N ILE A 13 27.69 9.58 12.02
CA ILE A 13 26.33 9.25 11.60
C ILE A 13 25.86 10.46 10.77
N ILE A 14 25.76 10.27 9.44
CA ILE A 14 25.46 11.28 8.42
C ILE A 14 23.97 11.49 8.09
N CYS A 15 23.13 10.52 8.48
CA CYS A 15 21.67 10.54 8.33
C CYS A 15 21.10 9.46 9.26
N ARG A 16 20.12 9.85 10.05
CA ARG A 16 19.42 8.95 11.01
C ARG A 16 18.51 7.96 10.28
N ASP A 17 17.97 8.36 9.10
CA ASP A 17 17.12 7.51 8.29
C ASP A 17 17.10 7.96 6.82
N VAL A 18 17.77 7.20 5.97
CA VAL A 18 17.79 7.49 4.54
C VAL A 18 16.42 7.26 3.92
N ALA A 19 15.58 6.34 4.52
CA ALA A 19 14.23 6.02 4.04
C ALA A 19 13.21 7.09 4.42
N ARG A 20 13.60 8.07 5.24
CA ARG A 20 12.72 9.15 5.70
C ARG A 20 11.40 8.63 6.30
N GLY A 21 11.48 7.63 7.16
CA GLY A 21 10.34 7.01 7.84
C GLY A 21 9.48 6.09 6.97
N TYR A 22 9.90 5.77 5.73
CA TYR A 22 9.05 4.97 4.84
C TYR A 22 9.11 3.47 5.11
N GLU A 23 10.22 3.00 5.71
CA GLU A 23 10.35 1.57 6.01
C GLU A 23 9.86 1.23 7.43
N ASN A 24 9.77 -0.07 7.77
CA ASN A 24 9.29 -0.47 9.12
C ASN A 24 10.30 -0.05 10.14
N VAL A 25 11.57 0.00 9.72
CA VAL A 25 12.70 0.39 10.56
C VAL A 25 13.49 1.56 9.93
N PRO A 26 14.19 2.41 10.74
CA PRO A 26 15.01 3.46 10.13
C PRO A 26 16.28 2.85 9.54
N ILE A 27 16.79 3.41 8.41
CA ILE A 27 18.01 2.92 7.81
C ILE A 27 19.06 4.04 7.91
N PRO A 28 19.90 4.03 8.97
CA PRO A 28 20.88 5.11 9.13
C PRO A 28 22.03 5.01 8.15
N CYS A 29 22.69 6.14 7.96
CA CYS A 29 23.89 6.25 7.12
C CYS A 29 25.11 6.68 7.93
N VAL A 30 26.20 5.94 7.82
CA VAL A 30 27.47 6.30 8.47
C VAL A 30 28.61 6.45 7.47
N ASN A 31 29.64 7.19 7.89
CA ASN A 31 30.86 7.35 7.11
C ASN A 31 32.07 7.52 8.06
N GLY A 32 32.98 6.54 8.00
CA GLY A 32 34.24 6.53 8.74
C GLY A 32 35.45 6.31 7.84
N VAL A 33 35.25 6.50 6.52
CA VAL A 33 36.27 6.27 5.50
C VAL A 33 36.72 7.58 4.85
N ASP A 34 35.77 8.45 4.48
CA ASP A 34 36.09 9.70 3.79
C ASP A 34 35.15 10.84 4.15
N GLY A 35 35.20 11.92 3.37
CA GLY A 35 34.40 13.12 3.58
C GLY A 35 33.10 13.19 2.83
N GLU A 36 32.72 12.11 2.09
CA GLU A 36 31.48 12.03 1.32
C GLU A 36 30.21 12.17 2.19
N PRO A 37 29.34 13.17 1.92
CA PRO A 37 28.12 13.31 2.72
C PRO A 37 27.05 12.31 2.29
N CYS A 38 25.91 12.30 2.98
CA CYS A 38 24.81 11.40 2.62
C CYS A 38 24.38 11.57 1.17
N PRO A 39 24.35 10.48 0.36
CA PRO A 39 23.95 10.63 -1.05
C PRO A 39 22.54 11.20 -1.21
N GLU A 40 22.39 12.18 -2.08
CA GLU A 40 21.10 12.84 -2.29
C GLU A 40 20.80 13.13 -3.76
N ASP A 41 21.41 12.35 -4.65
CA ASP A 41 21.27 12.42 -6.11
C ASP A 41 20.25 11.36 -6.61
N TYR A 42 19.19 11.12 -5.81
CA TYR A 42 18.13 10.16 -6.08
C TYR A 42 16.97 10.41 -5.12
N LYS A 43 15.78 9.90 -5.49
CA LYS A 43 14.63 9.98 -4.64
C LYS A 43 14.41 8.60 -4.01
N TYR A 44 14.41 8.56 -2.65
CA TYR A 44 14.15 7.32 -1.91
C TYR A 44 12.67 7.03 -2.04
N ILE A 45 12.33 5.85 -2.55
CA ILE A 45 10.94 5.37 -2.68
C ILE A 45 10.89 3.99 -2.03
N SER A 46 9.78 3.63 -1.39
CA SER A 46 9.67 2.32 -0.74
C SER A 46 9.00 1.27 -1.60
N GLU A 47 8.34 1.71 -2.69
CA GLU A 47 7.65 0.82 -3.63
C GLU A 47 8.02 1.22 -5.03
N ASN A 48 8.01 0.27 -5.96
CA ASN A 48 8.30 0.59 -7.37
C ASN A 48 7.46 1.74 -7.88
N CYS A 49 8.04 2.60 -8.73
CA CYS A 49 7.33 3.70 -9.38
C CYS A 49 7.38 3.47 -10.92
N GLU A 50 6.61 4.28 -11.67
CA GLU A 50 6.53 4.29 -13.15
C GLU A 50 6.69 5.70 -13.58
N THR A 51 7.34 5.92 -14.74
CA THR A 51 7.51 7.25 -15.36
C THR A 51 6.94 7.28 -16.81
N SER A 52 6.30 6.19 -17.21
CA SER A 52 5.57 6.01 -18.46
C SER A 52 4.62 4.85 -18.21
N THR A 53 3.57 4.74 -19.03
CA THR A 53 2.54 3.69 -18.91
C THR A 53 3.14 2.32 -19.09
N MET A 54 3.07 1.50 -18.03
CA MET A 54 3.53 0.13 -18.06
C MET A 54 2.36 -0.84 -18.32
N ASN A 55 1.13 -0.33 -18.16
CA ASN A 55 -0.15 -1.04 -18.32
C ASN A 55 -0.14 -2.38 -17.57
N ILE A 56 0.22 -2.34 -16.26
CA ILE A 56 0.26 -3.53 -15.43
C ILE A 56 -1.19 -4.05 -15.30
N ASP A 57 -1.33 -5.36 -15.36
CA ASP A 57 -2.65 -5.94 -15.22
C ASP A 57 -2.98 -6.01 -13.73
N ARG A 58 -3.85 -5.11 -13.25
CA ARG A 58 -4.33 -4.97 -11.87
C ARG A 58 -5.81 -5.36 -11.71
N ASN A 59 -6.39 -6.07 -12.70
CA ASN A 59 -7.78 -6.52 -12.62
C ASN A 59 -7.87 -7.58 -11.48
N ILE A 60 -8.58 -7.25 -10.38
CA ILE A 60 -8.69 -8.15 -9.20
C ILE A 60 -9.24 -9.52 -9.62
N THR A 61 -10.08 -9.57 -10.70
CA THR A 61 -10.69 -10.82 -11.21
C THR A 61 -9.65 -11.70 -11.93
N HIS A 62 -8.49 -11.12 -12.36
CA HIS A 62 -7.44 -11.89 -13.03
C HIS A 62 -6.52 -12.56 -12.06
N LEU A 63 -6.68 -12.27 -10.76
CA LEU A 63 -5.85 -12.87 -9.72
C LEU A 63 -6.20 -14.29 -9.41
N GLN A 64 -5.20 -15.17 -9.45
CA GLN A 64 -5.31 -16.52 -8.96
C GLN A 64 -5.16 -16.32 -7.45
N HIS A 65 -6.06 -16.88 -6.66
CA HIS A 65 -6.07 -16.66 -5.22
C HIS A 65 -6.48 -17.95 -4.56
N CYS A 66 -6.30 -18.03 -3.26
CA CYS A 66 -6.67 -19.24 -2.55
C CYS A 66 -8.04 -19.07 -1.83
N THR A 67 -8.61 -20.22 -1.42
CA THR A 67 -9.91 -20.28 -0.72
C THR A 67 -9.73 -20.61 0.74
N CYS A 68 -8.46 -20.58 1.23
CA CYS A 68 -8.08 -20.90 2.62
C CYS A 68 -8.82 -20.09 3.65
N VAL A 69 -9.37 -20.79 4.63
CA VAL A 69 -10.09 -20.26 5.78
C VAL A 69 -9.22 -20.39 7.05
N ASP A 70 -8.05 -21.07 6.91
CA ASP A 70 -7.01 -21.21 7.92
C ASP A 70 -5.92 -20.11 7.67
N ASP A 71 -4.60 -20.36 7.94
CA ASP A 71 -3.45 -19.39 7.76
C ASP A 71 -2.55 -19.73 6.55
N CYS A 72 -3.05 -20.58 5.63
CA CYS A 72 -2.37 -21.08 4.43
C CYS A 72 -1.18 -21.96 4.62
N SER A 73 -1.24 -22.83 5.63
CA SER A 73 -0.16 -23.79 5.92
C SER A 73 -0.39 -25.16 5.25
N SER A 74 -1.58 -25.38 4.67
CA SER A 74 -1.93 -26.64 4.02
C SER A 74 -1.53 -26.67 2.54
N SER A 75 -1.28 -27.87 2.01
CA SER A 75 -0.94 -28.16 0.61
C SER A 75 -2.10 -27.80 -0.36
N ASN A 76 -3.29 -27.47 0.19
CA ASN A 76 -4.48 -27.09 -0.58
C ASN A 76 -4.50 -25.60 -0.98
N CYS A 77 -3.54 -24.78 -0.44
CA CYS A 77 -3.39 -23.36 -0.76
C CYS A 77 -3.04 -23.21 -2.23
N LEU A 78 -3.92 -22.59 -3.01
CA LEU A 78 -3.68 -22.42 -4.46
C LEU A 78 -2.40 -21.56 -4.69
N CYS A 79 -2.21 -20.50 -3.87
CA CYS A 79 -1.05 -19.58 -3.93
C CYS A 79 0.29 -20.30 -3.70
N GLY A 80 0.30 -21.26 -2.76
CA GLY A 80 1.43 -22.13 -2.48
C GLY A 80 1.70 -23.09 -3.65
N GLN A 81 0.65 -23.75 -4.19
CA GLN A 81 0.73 -24.68 -5.34
C GLN A 81 1.31 -24.02 -6.60
N LEU A 82 1.03 -22.71 -6.79
CA LEU A 82 1.53 -21.93 -7.92
C LEU A 82 3.04 -21.75 -7.82
N SER A 83 3.51 -21.59 -6.56
CA SER A 83 4.91 -21.36 -6.17
C SER A 83 5.63 -22.71 -6.08
N ILE A 84 4.93 -23.81 -6.48
CA ILE A 84 5.28 -25.24 -6.43
C ILE A 84 4.83 -25.80 -5.08
N ARG A 85 5.14 -25.05 -4.01
CA ARG A 85 4.84 -25.25 -2.58
C ARG A 85 5.09 -23.86 -1.92
N CYS A 86 4.48 -23.58 -0.74
CA CYS A 86 4.78 -22.33 -0.02
C CYS A 86 6.16 -22.54 0.60
N TRP A 87 7.12 -21.74 0.16
CA TRP A 87 8.51 -21.87 0.54
C TRP A 87 8.86 -21.20 1.82
N TYR A 88 7.85 -20.67 2.54
CA TYR A 88 8.13 -20.04 3.81
C TYR A 88 7.86 -20.98 4.95
N ASP A 89 8.73 -20.93 5.97
CA ASP A 89 8.55 -21.70 7.18
C ASP A 89 7.69 -20.85 8.14
N LYS A 90 7.48 -21.31 9.39
CA LYS A 90 6.67 -20.63 10.41
C LYS A 90 7.14 -19.23 10.76
N ASP A 91 8.46 -18.97 10.67
CA ASP A 91 9.09 -17.69 11.02
C ASP A 91 9.29 -16.72 9.84
N GLY A 92 8.80 -17.10 8.66
CA GLY A 92 8.85 -16.32 7.44
C GLY A 92 10.13 -16.50 6.65
N ARG A 93 10.85 -17.59 6.92
CA ARG A 93 12.14 -17.90 6.29
C ARG A 93 12.01 -18.91 5.19
N LEU A 94 12.82 -18.77 4.14
CA LEU A 94 12.77 -19.72 3.04
C LEU A 94 13.22 -21.06 3.56
N LEU A 95 12.63 -22.15 3.03
CA LEU A 95 12.98 -23.52 3.42
C LEU A 95 14.42 -23.87 3.01
N GLN A 96 15.08 -24.77 3.75
CA GLN A 96 16.45 -25.23 3.48
C GLN A 96 16.57 -25.85 2.09
N GLU A 97 15.49 -26.55 1.66
CA GLU A 97 15.38 -27.22 0.36
C GLU A 97 15.05 -26.27 -0.82
N PHE A 98 14.94 -24.96 -0.56
CA PHE A 98 14.66 -23.95 -1.58
C PHE A 98 15.82 -23.88 -2.56
N ASN A 99 15.51 -23.88 -3.86
CA ASN A 99 16.54 -23.80 -4.89
C ASN A 99 17.15 -22.39 -4.91
N LYS A 100 18.28 -22.22 -4.20
CA LYS A 100 19.00 -20.96 -4.11
C LYS A 100 19.77 -20.67 -5.41
N ILE A 101 19.90 -21.67 -6.29
CA ILE A 101 20.58 -21.55 -7.58
C ILE A 101 19.60 -21.10 -8.67
N GLU A 102 18.47 -21.83 -8.81
CA GLU A 102 17.41 -21.50 -9.78
C GLU A 102 16.08 -21.34 -9.00
N PRO A 103 15.87 -20.18 -8.31
CA PRO A 103 14.64 -20.02 -7.50
C PRO A 103 13.34 -20.06 -8.27
N PRO A 104 12.27 -20.67 -7.71
CA PRO A 104 10.97 -20.62 -8.40
C PRO A 104 10.32 -19.26 -8.18
N LEU A 105 9.23 -18.99 -8.92
CA LEU A 105 8.46 -17.76 -8.78
C LEU A 105 7.63 -17.91 -7.52
N ILE A 106 7.68 -16.90 -6.62
CA ILE A 106 6.86 -16.91 -5.40
C ILE A 106 5.56 -16.11 -5.61
N PHE A 107 4.43 -16.76 -5.35
CA PHE A 107 3.13 -16.14 -5.41
C PHE A 107 2.66 -16.01 -3.98
N GLU A 108 2.72 -14.77 -3.43
CA GLU A 108 2.24 -14.52 -2.08
C GLU A 108 0.72 -14.34 -2.10
N CYS A 109 0.08 -14.41 -0.93
CA CYS A 109 -1.37 -14.21 -0.89
C CYS A 109 -1.69 -12.74 -1.18
N ASN A 110 -2.85 -12.48 -1.69
CA ASN A 110 -3.25 -11.16 -2.14
C ASN A 110 -4.64 -10.81 -1.59
N GLN A 111 -5.18 -9.66 -2.02
CA GLN A 111 -6.47 -9.10 -1.61
C GLN A 111 -7.66 -9.94 -2.13
N ALA A 112 -7.44 -10.83 -3.12
CA ALA A 112 -8.51 -11.70 -3.61
C ALA A 112 -8.61 -12.98 -2.79
N CYS A 113 -7.57 -13.34 -2.04
CA CYS A 113 -7.54 -14.51 -1.17
C CYS A 113 -8.56 -14.34 -0.04
N SER A 114 -9.21 -15.44 0.38
CA SER A 114 -10.20 -15.38 1.46
C SER A 114 -9.51 -15.42 2.83
N CYS A 115 -8.20 -15.60 2.85
CA CYS A 115 -7.39 -15.70 4.06
C CYS A 115 -7.23 -14.33 4.74
N TRP A 116 -6.72 -14.32 5.97
CA TRP A 116 -6.48 -13.11 6.75
C TRP A 116 -5.14 -12.46 6.35
N ARG A 117 -5.00 -11.13 6.59
CA ARG A 117 -3.79 -10.38 6.28
C ARG A 117 -2.52 -10.96 6.96
N ASN A 118 -2.70 -11.72 8.03
CA ASN A 118 -1.58 -12.29 8.78
C ASN A 118 -1.32 -13.79 8.47
N CYS A 119 -1.72 -14.27 7.27
CA CYS A 119 -1.46 -15.64 6.86
C CYS A 119 0.05 -15.88 6.61
N LYS A 120 0.49 -17.15 6.60
CA LYS A 120 1.90 -17.54 6.46
C LYS A 120 2.57 -17.18 5.09
N ASN A 121 1.78 -16.78 4.08
CA ASN A 121 2.28 -16.54 2.74
C ASN A 121 2.29 -15.04 2.36
N ARG A 122 2.82 -14.19 3.23
CA ARG A 122 2.84 -12.74 3.02
C ARG A 122 4.11 -12.06 3.57
N VAL A 123 5.24 -12.73 3.46
CA VAL A 123 6.53 -12.27 4.00
C VAL A 123 7.08 -10.97 3.38
N VAL A 124 7.27 -10.98 2.07
CA VAL A 124 7.82 -9.85 1.32
C VAL A 124 6.91 -8.63 1.43
N GLN A 125 5.58 -8.84 1.35
CA GLN A 125 4.60 -7.76 1.45
C GLN A 125 4.53 -7.09 2.82
N SER A 126 5.14 -7.71 3.86
CA SER A 126 5.19 -7.12 5.21
C SER A 126 6.39 -6.19 5.47
N GLY A 127 7.26 -6.02 4.46
CA GLY A 127 8.39 -5.09 4.55
C GLY A 127 9.63 -5.54 5.28
N ILE A 128 10.54 -4.57 5.49
CA ILE A 128 11.86 -4.77 6.10
C ILE A 128 11.70 -5.01 7.59
N LYS A 129 12.33 -6.07 8.10
CA LYS A 129 12.34 -6.37 9.53
C LYS A 129 13.77 -6.36 10.07
N VAL A 130 14.78 -6.71 9.22
CA VAL A 130 16.19 -6.72 9.66
C VAL A 130 16.77 -5.32 9.77
N ARG A 131 17.73 -5.16 10.67
CA ARG A 131 18.38 -3.89 10.90
C ARG A 131 19.55 -3.82 9.96
N LEU A 132 19.54 -2.76 9.14
CA LEU A 132 20.57 -2.51 8.12
C LEU A 132 21.14 -1.14 8.27
N GLN A 133 22.32 -0.94 7.70
CA GLN A 133 22.92 0.38 7.73
C GLN A 133 23.52 0.69 6.38
N LEU A 134 23.40 1.98 5.96
CA LEU A 134 24.07 2.46 4.77
C LEU A 134 25.46 2.92 5.25
N TYR A 135 26.51 2.41 4.65
CA TYR A 135 27.84 2.82 5.13
C TYR A 135 28.80 3.01 4.01
N ARG A 136 29.89 3.75 4.29
CA ARG A 136 30.93 3.99 3.28
C ARG A 136 31.95 2.87 3.31
N THR A 137 32.11 2.16 2.19
CA THR A 137 33.11 1.09 2.11
C THR A 137 34.48 1.73 1.79
N ALA A 138 35.54 0.94 1.90
CA ALA A 138 36.90 1.40 1.62
C ALA A 138 37.14 1.59 0.12
N LYS A 139 36.60 0.68 -0.71
CA LYS A 139 36.86 0.63 -2.13
C LYS A 139 35.66 0.71 -3.08
N MET A 140 34.44 0.42 -2.59
CA MET A 140 33.25 0.32 -3.45
C MET A 140 32.20 1.42 -3.22
N GLY A 141 32.61 2.58 -2.75
CA GLY A 141 31.72 3.69 -2.45
C GLY A 141 30.82 3.31 -1.29
N TRP A 142 29.50 3.51 -1.44
CA TRP A 142 28.55 3.17 -0.40
C TRP A 142 28.20 1.70 -0.46
N GLY A 143 27.84 1.12 0.67
CA GLY A 143 27.48 -0.29 0.77
C GLY A 143 26.41 -0.49 1.82
N VAL A 144 25.90 -1.70 1.92
CA VAL A 144 24.87 -2.00 2.92
C VAL A 144 25.33 -3.13 3.82
N ARG A 145 25.31 -2.92 5.13
CA ARG A 145 25.69 -4.00 6.04
C ARG A 145 24.60 -4.28 7.11
N ALA A 146 24.65 -5.48 7.68
CA ALA A 146 23.73 -5.92 8.72
C ALA A 146 24.18 -5.39 10.09
N LEU A 147 23.23 -4.86 10.88
CA LEU A 147 23.50 -4.36 12.22
C LEU A 147 23.12 -5.44 13.25
N GLN A 148 22.92 -6.67 12.77
CA GLN A 148 22.46 -7.81 13.54
C GLN A 148 22.78 -9.08 12.75
N THR A 149 22.68 -10.22 13.42
CA THR A 149 22.88 -11.52 12.79
C THR A 149 21.60 -11.84 12.01
N ILE A 150 21.73 -12.42 10.83
CA ILE A 150 20.62 -12.74 9.98
C ILE A 150 20.65 -14.22 9.62
N PRO A 151 19.68 -15.04 10.06
CA PRO A 151 19.69 -16.45 9.66
C PRO A 151 19.42 -16.62 8.18
N GLN A 152 19.83 -17.78 7.61
CA GLN A 152 19.61 -18.18 6.22
C GLN A 152 18.11 -18.17 5.84
N GLY A 153 17.80 -17.62 4.66
CA GLY A 153 16.43 -17.58 4.14
C GLY A 153 15.58 -16.43 4.66
N THR A 154 16.18 -15.49 5.39
CA THR A 154 15.44 -14.34 5.92
C THR A 154 15.34 -13.28 4.81
N PHE A 155 14.16 -12.64 4.69
CA PHE A 155 13.89 -11.58 3.73
C PHE A 155 14.62 -10.34 4.20
N ILE A 156 15.34 -9.72 3.28
CA ILE A 156 16.12 -8.55 3.64
C ILE A 156 15.39 -7.27 3.22
N CYS A 157 15.23 -7.07 1.91
CA CYS A 157 14.62 -5.89 1.32
C CYS A 157 14.29 -6.24 -0.11
N GLU A 158 13.56 -5.34 -0.74
CA GLU A 158 13.15 -5.48 -2.12
C GLU A 158 14.02 -4.59 -3.01
N TYR A 159 14.33 -5.02 -4.26
CA TYR A 159 15.03 -4.12 -5.19
C TYR A 159 13.95 -3.22 -5.78
N VAL A 160 13.92 -1.98 -5.34
CA VAL A 160 12.88 -1.03 -5.71
C VAL A 160 13.43 0.11 -6.61
N GLY A 161 12.63 0.50 -7.60
CA GLY A 161 12.98 1.55 -8.51
C GLY A 161 11.91 1.88 -9.52
N GLU A 162 12.37 2.49 -10.61
CA GLU A 162 11.52 2.96 -11.67
C GLU A 162 11.41 1.86 -12.70
N LEU A 163 10.17 1.52 -13.07
CA LEU A 163 9.90 0.43 -14.05
C LEU A 163 10.08 0.96 -15.44
N ILE A 164 10.95 0.29 -16.23
CA ILE A 164 11.29 0.72 -17.60
C ILE A 164 11.42 -0.42 -18.59
N SER A 165 11.27 -0.11 -19.88
CA SER A 165 11.42 -1.14 -20.93
C SER A 165 12.91 -1.38 -21.14
N ASP A 166 13.23 -2.52 -21.72
CA ASP A 166 14.60 -2.86 -22.08
C ASP A 166 15.19 -1.80 -23.05
N ALA A 167 14.35 -1.30 -23.98
CA ALA A 167 14.71 -0.27 -24.96
C ALA A 167 15.02 1.05 -24.24
N GLU A 168 14.24 1.38 -23.18
CA GLU A 168 14.47 2.60 -22.41
C GLU A 168 15.78 2.48 -21.62
N ALA A 169 16.09 1.25 -21.10
CA ALA A 169 17.29 0.95 -20.33
C ALA A 169 18.56 1.11 -21.17
N ASP A 170 18.50 0.66 -22.44
CA ASP A 170 19.56 0.75 -23.44
C ASP A 170 19.96 2.20 -23.74
N VAL A 171 19.00 3.13 -23.69
CA VAL A 171 19.21 4.56 -23.96
C VAL A 171 19.61 5.39 -22.73
N ARG A 172 19.54 4.80 -21.52
CA ARG A 172 19.85 5.48 -20.25
C ARG A 172 21.36 5.77 -20.15
N GLU A 173 21.72 7.02 -19.76
CA GLU A 173 23.12 7.44 -19.58
C GLU A 173 23.77 6.57 -18.48
N ASP A 174 23.10 6.47 -17.29
CA ASP A 174 23.60 5.65 -16.19
C ASP A 174 22.98 4.23 -16.20
N ASP A 175 23.82 3.22 -16.41
CA ASP A 175 23.39 1.81 -16.44
C ASP A 175 23.87 1.03 -15.18
N SER A 176 24.18 1.75 -14.10
CA SER A 176 24.73 1.17 -12.87
C SER A 176 23.70 0.57 -11.90
N TYR A 177 22.42 1.03 -11.98
CA TYR A 177 21.35 0.64 -11.06
C TYR A 177 20.21 -0.10 -11.73
N LEU A 178 20.53 -0.94 -12.72
CA LEU A 178 19.51 -1.67 -13.43
C LEU A 178 19.38 -3.07 -12.95
N PHE A 179 18.13 -3.52 -12.80
CA PHE A 179 17.84 -4.92 -12.49
C PHE A 179 16.86 -5.42 -13.57
N ASP A 180 17.26 -6.49 -14.27
CA ASP A 180 16.47 -7.07 -15.34
C ASP A 180 15.38 -7.95 -14.81
N LEU A 181 14.19 -7.77 -15.40
CA LEU A 181 12.99 -8.57 -15.06
C LEU A 181 12.73 -9.56 -16.18
N GLY A 186 4.43 -8.11 -23.41
CA GLY A 186 5.07 -6.81 -23.25
C GLY A 186 6.56 -6.77 -23.51
N GLU A 187 7.19 -7.97 -23.70
CA GLU A 187 8.62 -8.24 -23.90
C GLU A 187 9.39 -8.19 -22.57
N VAL A 188 10.64 -7.67 -22.56
CA VAL A 188 11.50 -7.60 -21.38
C VAL A 188 11.50 -6.22 -20.71
N TYR A 189 11.54 -6.20 -19.36
CA TYR A 189 11.51 -4.95 -18.57
C TYR A 189 12.63 -4.89 -17.55
N CYS A 190 12.98 -3.67 -17.11
CA CYS A 190 14.02 -3.42 -16.13
C CYS A 190 13.50 -2.60 -14.96
N ILE A 191 14.18 -2.72 -13.82
CA ILE A 191 13.96 -1.82 -12.69
C ILE A 191 15.18 -0.90 -12.69
N ASP A 192 14.95 0.41 -12.75
CA ASP A 192 16.08 1.32 -12.72
C ASP A 192 16.08 2.06 -11.42
N ALA A 193 17.07 1.80 -10.57
CA ALA A 193 17.10 2.53 -9.28
C ALA A 193 18.00 3.78 -9.30
N ARG A 194 18.43 4.23 -10.49
CA ARG A 194 19.26 5.39 -10.60
C ARG A 194 18.63 6.65 -10.05
N TYR A 195 17.41 6.94 -10.45
CA TYR A 195 16.73 8.20 -10.02
C TYR A 195 15.77 8.02 -8.90
N TYR A 196 15.15 6.87 -8.85
CA TYR A 196 14.16 6.54 -7.83
C TYR A 196 14.55 5.19 -7.32
N GLY A 197 14.81 5.05 -6.01
CA GLY A 197 15.21 3.73 -5.51
C GLY A 197 15.11 3.59 -4.00
N ASN A 198 15.42 2.40 -3.47
CA ASN A 198 15.39 2.20 -2.01
C ASN A 198 16.79 1.78 -1.56
N ILE A 199 16.95 1.34 -0.29
CA ILE A 199 18.24 0.91 0.26
C ILE A 199 18.97 -0.11 -0.62
N SER A 200 18.26 -0.92 -1.38
CA SER A 200 18.88 -1.97 -2.21
C SER A 200 19.73 -1.42 -3.38
N ARG A 201 19.52 -0.12 -3.76
CA ARG A 201 20.31 0.50 -4.82
C ARG A 201 21.77 0.70 -4.34
N PHE A 202 22.01 0.49 -3.02
CA PHE A 202 23.34 0.62 -2.44
C PHE A 202 24.03 -0.66 -2.16
N ILE A 203 23.41 -1.80 -2.51
CA ILE A 203 23.99 -3.12 -2.29
C ILE A 203 24.99 -3.40 -3.42
N ASN A 204 26.25 -3.69 -3.01
CA ASN A 204 27.38 -3.94 -3.91
C ASN A 204 27.44 -5.38 -4.39
N HIS A 205 28.18 -5.63 -5.46
CA HIS A 205 28.39 -6.96 -5.99
C HIS A 205 29.44 -7.69 -5.14
N LEU A 206 29.23 -8.99 -4.92
CA LEU A 206 30.17 -9.87 -4.22
C LEU A 206 30.34 -11.14 -5.01
N CYS A 207 31.59 -11.56 -5.25
CA CYS A 207 31.86 -12.82 -5.97
C CYS A 207 31.53 -14.01 -5.06
N ASP A 208 31.50 -13.77 -3.73
CA ASP A 208 31.06 -14.72 -2.71
C ASP A 208 29.78 -14.09 -2.10
N PRO A 209 28.60 -14.20 -2.78
CA PRO A 209 27.40 -13.50 -2.27
C PRO A 209 26.73 -14.13 -1.06
N ASN A 210 26.09 -13.30 -0.23
CA ASN A 210 25.34 -13.75 0.95
C ASN A 210 23.83 -13.50 0.79
N ILE A 211 23.36 -12.92 -0.36
CA ILE A 211 21.94 -12.69 -0.64
C ILE A 211 21.57 -13.15 -2.04
N ILE A 212 20.34 -13.65 -2.22
CA ILE A 212 19.87 -14.09 -3.53
C ILE A 212 18.61 -13.35 -3.90
N PRO A 213 18.49 -12.89 -5.16
CA PRO A 213 17.25 -12.20 -5.56
C PRO A 213 16.18 -13.21 -5.92
N VAL A 214 14.93 -12.94 -5.54
CA VAL A 214 13.78 -13.84 -5.82
C VAL A 214 12.67 -13.06 -6.49
N ARG A 215 12.03 -13.67 -7.51
CA ARG A 215 10.93 -13.06 -8.24
C ARG A 215 9.66 -13.38 -7.46
N VAL A 216 8.95 -12.29 -7.00
CA VAL A 216 7.75 -12.42 -6.15
C VAL A 216 6.57 -11.64 -6.72
N PHE A 217 5.37 -12.23 -6.59
CA PHE A 217 4.09 -11.65 -6.97
C PHE A 217 3.25 -11.47 -5.72
N MET A 218 2.64 -10.30 -5.61
CA MET A 218 1.85 -9.95 -4.44
C MET A 218 0.49 -9.43 -4.84
N LEU A 219 0.32 -8.10 -4.93
CA LEU A 219 -0.94 -7.46 -5.26
C LEU A 219 -1.44 -7.67 -6.68
N HIS A 220 -0.53 -7.99 -7.62
CA HIS A 220 -0.87 -8.24 -9.04
C HIS A 220 -0.07 -9.47 -9.44
N GLN A 221 -0.47 -10.13 -10.53
CA GLN A 221 0.23 -11.31 -11.05
C GLN A 221 0.61 -11.13 -12.55
N ASP A 222 0.93 -9.87 -12.92
CA ASP A 222 1.38 -9.58 -14.27
C ASP A 222 2.81 -10.06 -14.36
N LEU A 223 2.97 -11.24 -14.97
CA LEU A 223 4.27 -11.96 -15.12
C LEU A 223 5.42 -11.15 -15.73
N ARG A 224 5.11 -10.07 -16.47
CA ARG A 224 6.12 -9.17 -17.03
C ARG A 224 6.78 -8.38 -15.92
N PHE A 225 6.09 -8.21 -14.76
CA PHE A 225 6.59 -7.39 -13.67
C PHE A 225 6.72 -8.10 -12.33
N PRO A 226 7.65 -9.08 -12.19
CA PRO A 226 7.87 -9.62 -10.84
C PRO A 226 8.53 -8.56 -9.96
N ARG A 227 8.40 -8.73 -8.65
CA ARG A 227 9.06 -7.86 -7.70
C ARG A 227 10.26 -8.62 -7.21
N ILE A 228 11.38 -7.91 -6.99
CA ILE A 228 12.63 -8.55 -6.65
C ILE A 228 12.89 -8.52 -5.17
N ALA A 229 12.89 -9.68 -4.57
CA ALA A 229 13.08 -9.74 -3.13
C ALA A 229 14.43 -10.35 -2.82
N PHE A 230 15.22 -9.73 -1.93
CA PHE A 230 16.47 -10.35 -1.53
C PHE A 230 16.28 -11.14 -0.24
N PHE A 231 16.79 -12.36 -0.23
CA PHE A 231 16.80 -13.27 0.90
C PHE A 231 18.24 -13.67 1.20
N SER A 232 18.61 -13.84 2.48
CA SER A 232 19.96 -14.30 2.83
C SER A 232 20.15 -15.76 2.34
N SER A 233 21.24 -16.05 1.60
CA SER A 233 21.54 -17.38 1.06
C SER A 233 22.30 -18.24 2.08
N ARG A 234 22.70 -17.63 3.19
CA ARG A 234 23.40 -18.25 4.31
C ARG A 234 23.24 -17.37 5.52
N ASP A 235 23.68 -17.87 6.70
CA ASP A 235 23.63 -17.08 7.93
C ASP A 235 24.61 -15.93 7.79
N ILE A 236 24.18 -14.72 8.11
CA ILE A 236 24.98 -13.51 7.96
C ILE A 236 25.31 -12.98 9.34
N ARG A 237 26.56 -12.60 9.57
CA ARG A 237 27.04 -12.09 10.86
C ARG A 237 26.81 -10.60 10.93
N THR A 238 26.74 -10.04 12.15
CA THR A 238 26.60 -8.59 12.39
C THR A 238 27.82 -7.90 11.79
N GLY A 239 27.60 -6.73 11.17
CA GLY A 239 28.65 -5.93 10.54
C GLY A 239 29.04 -6.38 9.14
N GLU A 240 28.58 -7.56 8.73
CA GLU A 240 28.90 -8.11 7.43
C GLU A 240 28.18 -7.35 6.29
N GLU A 241 28.93 -7.07 5.20
CA GLU A 241 28.41 -6.37 4.03
C GLU A 241 27.48 -7.29 3.27
N LEU A 242 26.35 -6.75 2.82
CA LEU A 242 25.43 -7.51 2.01
C LEU A 242 25.81 -7.34 0.57
N GLY A 243 25.65 -8.40 -0.18
CA GLY A 243 25.95 -8.36 -1.60
C GLY A 243 25.46 -9.57 -2.33
N PHE A 244 25.22 -9.39 -3.60
CA PHE A 244 24.74 -10.45 -4.48
C PHE A 244 25.57 -10.49 -5.75
N ASP A 245 25.48 -11.58 -6.53
CA ASP A 245 26.17 -11.67 -7.80
C ASP A 245 25.39 -10.86 -8.84
N TYR A 246 25.98 -9.74 -9.32
CA TYR A 246 25.38 -8.87 -10.34
C TYR A 246 25.20 -9.59 -11.67
N GLY A 247 25.94 -10.68 -11.88
CA GLY A 247 25.88 -11.45 -13.11
C GLY A 247 26.80 -10.92 -14.20
N ASP A 248 26.91 -11.69 -15.29
CA ASP A 248 27.78 -11.41 -16.44
C ASP A 248 27.40 -10.23 -17.31
N ARG A 249 26.10 -9.93 -17.48
CA ARG A 249 25.65 -8.80 -18.29
C ARG A 249 26.27 -7.48 -17.83
N PHE A 250 26.31 -7.26 -16.49
CA PHE A 250 26.89 -6.06 -15.89
C PHE A 250 28.42 -6.09 -16.08
N TRP A 251 29.05 -7.21 -15.71
CA TRP A 251 30.51 -7.37 -15.76
C TRP A 251 31.13 -7.41 -17.16
N ASP A 252 30.36 -7.66 -18.22
CA ASP A 252 30.85 -7.62 -19.59
C ASP A 252 30.91 -6.16 -20.08
N ILE A 253 29.95 -5.33 -19.63
CA ILE A 253 29.90 -3.91 -19.96
C ILE A 253 30.91 -3.08 -19.14
N LYS A 254 30.90 -3.26 -17.81
CA LYS A 254 31.69 -2.53 -16.80
C LYS A 254 33.18 -2.85 -16.65
N SER A 255 33.58 -4.14 -16.81
CA SER A 255 34.98 -4.49 -16.59
C SER A 255 35.88 -4.20 -17.77
N TYR A 257 35.77 -0.37 -17.70
CA TYR A 257 35.80 0.91 -16.99
C TYR A 257 36.33 0.82 -15.54
N PHE A 258 36.08 -0.32 -14.87
CA PHE A 258 36.52 -0.61 -13.50
C PHE A 258 36.46 -2.10 -13.23
N THR A 259 37.18 -2.54 -12.20
CA THR A 259 37.25 -3.96 -11.86
C THR A 259 36.68 -4.21 -10.46
N CYS A 260 36.45 -5.49 -10.14
CA CYS A 260 35.88 -5.89 -8.87
C CYS A 260 36.82 -5.75 -7.68
N GLN A 261 36.38 -4.99 -6.67
CA GLN A 261 37.11 -4.70 -5.43
C GLN A 261 36.59 -5.51 -4.22
N CYS A 262 35.84 -6.60 -4.45
CA CYS A 262 35.30 -7.41 -3.34
C CYS A 262 36.38 -7.98 -2.42
N GLY A 263 37.56 -8.23 -2.99
CA GLY A 263 38.71 -8.72 -2.26
C GLY A 263 38.61 -10.13 -1.72
N SER A 264 37.66 -10.92 -2.23
CA SER A 264 37.52 -12.30 -1.78
C SER A 264 38.49 -13.18 -2.55
N GLU A 265 38.88 -14.32 -1.93
CA GLU A 265 39.78 -15.31 -2.53
C GLU A 265 39.15 -15.96 -3.76
N LYS A 266 37.81 -15.87 -3.89
CA LYS A 266 37.03 -16.43 -5.00
C LYS A 266 36.67 -15.42 -6.11
N CYS A 267 37.12 -14.14 -5.99
CA CYS A 267 36.87 -13.06 -6.96
C CYS A 267 37.12 -13.45 -8.40
N LYS A 268 36.11 -13.28 -9.26
CA LYS A 268 36.16 -13.62 -10.68
C LYS A 268 36.13 -12.38 -11.55
N HIS A 269 36.19 -11.18 -10.95
CA HIS A 269 36.11 -9.95 -11.74
C HIS A 269 37.12 -8.86 -11.35
N SER A 270 38.10 -9.21 -10.52
CA SER A 270 39.19 -8.32 -10.12
C SER A 270 40.13 -8.14 -11.33
N ALA A 271 40.98 -7.08 -11.29
CA ALA A 271 41.99 -6.86 -12.33
C ALA A 271 42.84 -8.13 -12.51
N GLU A 272 43.23 -8.74 -11.36
CA GLU A 272 43.99 -10.00 -11.22
C GLU A 272 43.28 -11.20 -11.87
N ALA A 273 41.95 -11.30 -11.71
CA ALA A 273 41.14 -12.39 -12.29
C ALA A 273 41.04 -12.27 -13.81
N ILE A 274 40.78 -11.06 -14.31
CA ILE A 274 40.63 -10.71 -15.73
C ILE A 274 41.97 -10.90 -16.47
N ALA A 275 43.09 -10.62 -15.78
CA ALA A 275 44.44 -10.80 -16.34
C ALA A 275 44.80 -12.29 -16.45
N LEU A 276 44.47 -13.11 -15.43
CA LEU A 276 44.75 -14.56 -15.42
C LEU A 276 43.94 -15.35 -16.44
N GLU A 277 42.69 -14.92 -16.70
CA GLU A 277 41.78 -15.56 -17.66
C GLU A 277 42.32 -15.41 -19.08
N GLN A 278 42.58 -14.15 -19.50
CA GLN A 278 43.12 -13.78 -20.82
C GLN A 278 44.49 -14.43 -21.12
N SER A 279 45.42 -14.40 -20.12
CA SER A 279 46.76 -14.99 -20.24
C SER A 279 46.73 -16.53 -20.34
N THR B 10 -30.36 -11.12 23.81
CA THR B 10 -29.05 -10.63 24.24
C THR B 10 -28.11 -10.35 23.05
N GLU B 11 -27.30 -9.27 23.15
CA GLU B 11 -26.33 -8.85 22.13
C GLU B 11 -25.15 -9.81 22.10
N LYS B 12 -24.91 -10.43 20.93
CA LYS B 12 -23.82 -11.39 20.76
C LYS B 12 -22.78 -10.86 19.76
N ILE B 13 -21.47 -11.14 20.04
CA ILE B 13 -20.35 -10.79 19.18
C ILE B 13 -20.20 -11.92 18.17
N ILE B 14 -20.66 -11.68 16.94
CA ILE B 14 -20.65 -12.69 15.89
C ILE B 14 -19.25 -12.89 15.31
N CYS B 15 -18.60 -11.80 14.89
CA CYS B 15 -17.27 -11.77 14.25
C CYS B 15 -16.36 -10.82 15.01
N ARG B 16 -15.15 -11.29 15.38
CA ARG B 16 -14.16 -10.49 16.09
C ARG B 16 -13.51 -9.43 15.19
N ASP B 17 -13.43 -9.69 13.88
CA ASP B 17 -12.89 -8.76 12.88
C ASP B 17 -13.40 -9.02 11.49
N VAL B 18 -14.32 -8.17 11.02
CA VAL B 18 -14.84 -8.29 9.64
C VAL B 18 -13.78 -7.96 8.60
N ALA B 19 -12.79 -7.10 8.97
CA ALA B 19 -11.69 -6.71 8.09
C ALA B 19 -10.61 -7.80 7.96
N ARG B 20 -10.71 -8.89 8.73
CA ARG B 20 -9.75 -10.01 8.72
C ARG B 20 -8.27 -9.51 8.82
N GLY B 21 -8.02 -8.63 9.78
CA GLY B 21 -6.71 -8.05 10.06
C GLY B 21 -6.18 -7.04 9.04
N TYR B 22 -7.03 -6.61 8.05
CA TYR B 22 -6.67 -5.67 6.99
C TYR B 22 -6.55 -4.23 7.45
N GLU B 23 -7.27 -3.86 8.50
CA GLU B 23 -7.22 -2.49 9.02
C GLU B 23 -6.24 -2.31 10.17
N ASN B 24 -5.98 -1.06 10.61
CA ASN B 24 -5.05 -0.84 11.73
C ASN B 24 -5.64 -1.42 12.99
N VAL B 25 -6.96 -1.42 13.07
CA VAL B 25 -7.72 -1.90 14.21
C VAL B 25 -8.75 -2.98 13.79
N PRO B 26 -9.14 -3.91 14.69
CA PRO B 26 -10.15 -4.90 14.29
C PRO B 26 -11.53 -4.24 14.27
N ILE B 27 -12.43 -4.69 13.36
CA ILE B 27 -13.78 -4.15 13.29
C ILE B 27 -14.76 -5.28 13.63
N PRO B 28 -15.16 -5.40 14.92
CA PRO B 28 -16.07 -6.50 15.30
C PRO B 28 -17.50 -6.30 14.81
N CYS B 29 -18.23 -7.41 14.73
CA CYS B 29 -19.64 -7.42 14.35
C CYS B 29 -20.51 -7.95 15.50
N VAL B 30 -21.55 -7.21 15.87
CA VAL B 30 -22.54 -7.64 16.87
C VAL B 30 -23.94 -7.69 16.32
N ASN B 31 -24.82 -8.47 17.00
CA ASN B 31 -26.23 -8.56 16.63
C ASN B 31 -27.03 -8.90 17.88
N GLY B 32 -27.83 -7.94 18.35
CA GLY B 32 -28.74 -8.07 19.48
C GLY B 32 -30.16 -7.70 19.10
N VAL B 33 -30.45 -7.72 17.78
CA VAL B 33 -31.75 -7.35 17.23
C VAL B 33 -32.46 -8.54 16.62
N ASP B 34 -31.74 -9.35 15.80
CA ASP B 34 -32.33 -10.49 15.13
C ASP B 34 -31.41 -11.68 15.01
N GLY B 35 -31.78 -12.65 14.17
CA GLY B 35 -30.98 -13.84 13.96
C GLY B 35 -30.08 -13.83 12.73
N GLU B 36 -29.93 -12.67 12.10
CA GLU B 36 -29.08 -12.51 10.91
C GLU B 36 -27.59 -12.74 11.23
N PRO B 37 -26.91 -13.68 10.54
CA PRO B 37 -25.47 -13.92 10.84
C PRO B 37 -24.61 -12.83 10.18
N CYS B 38 -23.30 -12.88 10.44
CA CYS B 38 -22.32 -11.95 9.87
C CYS B 38 -22.40 -11.92 8.35
N PRO B 39 -22.62 -10.75 7.72
CA PRO B 39 -22.72 -10.72 6.24
C PRO B 39 -21.44 -11.21 5.55
N GLU B 40 -21.59 -12.08 4.56
CA GLU B 40 -20.45 -12.66 3.86
C GLU B 40 -20.70 -12.79 2.35
N ASP B 41 -21.58 -11.94 1.83
CA ASP B 41 -21.95 -11.85 0.41
C ASP B 41 -21.14 -10.71 -0.29
N TYR B 42 -19.89 -10.55 0.12
CA TYR B 42 -18.95 -9.54 -0.41
C TYR B 42 -17.54 -9.87 0.02
N LYS B 43 -16.57 -9.31 -0.69
CA LYS B 43 -15.17 -9.51 -0.35
C LYS B 43 -14.70 -8.22 0.33
N TYR B 44 -14.21 -8.34 1.57
CA TYR B 44 -13.68 -7.22 2.33
C TYR B 44 -12.33 -6.89 1.70
N ILE B 45 -12.16 -5.64 1.24
CA ILE B 45 -10.90 -5.12 0.68
C ILE B 45 -10.59 -3.84 1.43
N SER B 46 -9.32 -3.54 1.64
CA SER B 46 -8.91 -2.34 2.37
C SER B 46 -8.53 -1.21 1.44
N GLU B 47 -8.31 -1.52 0.14
CA GLU B 47 -7.97 -0.55 -0.89
C GLU B 47 -8.84 -0.74 -2.11
N ASN B 48 -9.06 0.32 -2.91
CA ASN B 48 -9.86 0.27 -4.11
C ASN B 48 -9.34 -0.73 -5.17
N CYS B 49 -10.26 -1.41 -5.89
CA CYS B 49 -9.88 -2.43 -6.86
C CYS B 49 -10.44 -2.10 -8.24
N GLU B 50 -9.87 -2.73 -9.32
CA GLU B 50 -10.26 -2.60 -10.74
C GLU B 50 -10.77 -3.94 -11.23
N THR B 51 -11.80 -3.91 -12.07
CA THR B 51 -12.35 -5.12 -12.72
C THR B 51 -12.33 -4.97 -14.26
N SER B 52 -11.77 -3.85 -14.74
CA SER B 52 -11.55 -3.54 -16.15
C SER B 52 -10.42 -2.52 -16.21
N THR B 53 -9.82 -2.30 -17.40
CA THR B 53 -8.69 -1.37 -17.58
C THR B 53 -9.14 0.06 -17.31
N MET B 54 -8.57 0.72 -16.30
CA MET B 54 -8.90 2.11 -15.95
C MET B 54 -7.71 3.04 -16.20
N ASN B 55 -6.50 2.45 -16.20
CA ASN B 55 -5.17 3.08 -16.31
C ASN B 55 -5.10 4.38 -15.54
N ILE B 56 -5.11 4.24 -14.20
CA ILE B 56 -5.00 5.38 -13.29
C ILE B 56 -3.62 6.01 -13.63
N ASP B 57 -3.57 7.32 -13.87
CA ASP B 57 -2.30 7.98 -14.14
C ASP B 57 -1.44 7.92 -12.85
N ARG B 58 -0.46 6.99 -12.81
CA ARG B 58 0.49 6.74 -11.71
C ARG B 58 1.91 7.20 -12.08
N ASN B 59 2.04 8.18 -12.99
CA ASN B 59 3.35 8.68 -13.39
C ASN B 59 3.85 9.52 -12.24
N ILE B 60 4.94 9.08 -11.55
CA ILE B 60 5.51 9.80 -10.39
C ILE B 60 5.86 11.27 -10.73
N THR B 61 6.22 11.55 -12.00
CA THR B 61 6.57 12.89 -12.51
C THR B 61 5.34 13.77 -12.66
N HIS B 62 4.12 13.19 -12.74
CA HIS B 62 2.88 13.96 -12.84
C HIS B 62 2.37 14.47 -11.50
N LEU B 63 2.99 13.99 -10.41
CA LEU B 63 2.59 14.38 -9.06
C LEU B 63 3.04 15.76 -8.67
N GLN B 64 2.09 16.59 -8.21
CA GLN B 64 2.36 17.87 -7.58
C GLN B 64 2.79 17.46 -6.15
N HIS B 65 3.93 17.96 -5.68
CA HIS B 65 4.50 17.55 -4.41
C HIS B 65 5.14 18.73 -3.75
N CYS B 66 5.45 18.61 -2.45
CA CYS B 66 6.09 19.70 -1.72
C CYS B 66 7.59 19.47 -1.55
N THR B 67 8.31 20.53 -1.15
CA THR B 67 9.76 20.49 -0.94
C THR B 67 10.11 20.54 0.53
N CYS B 68 9.11 20.44 1.42
CA CYS B 68 9.23 20.52 2.87
C CYS B 68 10.25 19.55 3.44
N VAL B 69 11.10 20.02 4.33
CA VAL B 69 12.09 19.22 5.03
C VAL B 69 11.67 19.08 6.51
N ASP B 70 10.50 19.65 6.86
CA ASP B 70 9.91 19.59 8.19
C ASP B 70 8.76 18.54 8.22
N ASP B 71 7.75 18.76 9.08
CA ASP B 71 6.61 17.86 9.20
C ASP B 71 5.40 18.38 8.41
N CYS B 72 5.59 19.38 7.53
CA CYS B 72 4.52 19.95 6.71
C CYS B 72 3.42 20.70 7.49
N SER B 73 3.78 21.44 8.55
CA SER B 73 2.82 22.25 9.35
C SER B 73 2.79 23.72 8.88
N SER B 74 3.70 24.08 7.96
CA SER B 74 3.79 25.45 7.47
C SER B 74 2.91 25.73 6.26
N SER B 75 2.56 27.03 6.08
CA SER B 75 1.77 27.57 4.98
C SER B 75 2.52 27.46 3.64
N ASN B 76 3.83 27.11 3.67
CA ASN B 76 4.68 26.96 2.49
C ASN B 76 4.57 25.59 1.82
N CYS B 77 3.85 24.64 2.45
CA CYS B 77 3.64 23.30 1.88
C CYS B 77 2.82 23.42 0.60
N LEU B 78 3.41 22.99 -0.56
CA LEU B 78 2.72 23.05 -1.86
C LEU B 78 1.42 22.21 -1.81
N CYS B 79 1.49 21.01 -1.20
CA CYS B 79 0.36 20.07 -1.08
C CYS B 79 -0.84 20.64 -0.32
N ARG B 85 -5.19 25.24 1.14
CA ARG B 85 -4.42 25.19 2.39
C ARG B 85 -4.47 23.75 2.93
N CYS B 86 -3.48 23.34 3.78
CA CYS B 86 -3.54 22.01 4.42
C CYS B 86 -4.62 22.14 5.47
N TRP B 87 -5.70 21.35 5.30
CA TRP B 87 -6.86 21.41 6.16
C TRP B 87 -6.75 20.61 7.42
N TYR B 88 -5.58 20.03 7.67
CA TYR B 88 -5.42 19.25 8.87
C TYR B 88 -4.72 20.06 9.96
N ASP B 89 -5.16 19.87 11.19
CA ASP B 89 -4.53 20.50 12.35
C ASP B 89 -3.41 19.54 12.82
N LYS B 90 -2.75 19.86 13.96
CA LYS B 90 -1.65 19.07 14.52
C LYS B 90 -2.00 17.63 14.85
N ASP B 91 -3.28 17.38 15.22
CA ASP B 91 -3.78 16.06 15.63
C ASP B 91 -4.42 15.25 14.50
N GLY B 92 -4.36 15.76 13.28
CA GLY B 92 -4.89 15.11 12.09
C GLY B 92 -6.35 15.37 11.82
N ARG B 93 -6.91 16.43 12.46
CA ARG B 93 -8.31 16.78 12.36
C ARG B 93 -8.55 17.90 11.40
N LEU B 94 -9.69 17.89 10.70
CA LEU B 94 -10.01 18.97 9.78
C LEU B 94 -10.20 20.25 10.57
N LEU B 95 -9.81 21.39 10.00
CA LEU B 95 -9.92 22.71 10.63
C LEU B 95 -11.40 23.08 10.81
N GLN B 96 -11.72 23.90 11.85
CA GLN B 96 -13.08 24.35 12.14
C GLN B 96 -13.66 25.15 10.96
N GLU B 97 -12.78 25.91 10.26
CA GLU B 97 -13.12 26.74 9.10
C GLU B 97 -13.27 25.94 7.77
N PHE B 98 -13.14 24.60 7.83
CA PHE B 98 -13.27 23.73 6.66
C PHE B 98 -14.73 23.77 6.18
N ASN B 99 -14.91 23.94 4.87
CA ASN B 99 -16.25 23.97 4.30
C ASN B 99 -16.86 22.56 4.34
N LYS B 100 -17.66 22.28 5.39
CA LYS B 100 -18.33 21.01 5.57
C LYS B 100 -19.54 20.87 4.63
N ILE B 101 -19.96 21.99 3.99
CA ILE B 101 -21.07 22.01 3.04
C ILE B 101 -20.56 21.72 1.62
N GLU B 102 -19.55 22.47 1.16
CA GLU B 102 -18.93 22.30 -0.17
C GLU B 102 -17.41 22.05 0.05
N PRO B 103 -17.01 20.81 0.46
CA PRO B 103 -15.57 20.56 0.75
C PRO B 103 -14.63 20.73 -0.44
N PRO B 104 -13.42 21.29 -0.24
CA PRO B 104 -12.47 21.35 -1.35
C PRO B 104 -11.82 19.96 -1.54
N LEU B 105 -11.07 19.79 -2.63
CA LEU B 105 -10.31 18.59 -2.92
C LEU B 105 -9.09 18.60 -1.97
N ILE B 106 -8.82 17.47 -1.25
CA ILE B 106 -7.62 17.33 -0.39
C ILE B 106 -6.49 16.61 -1.14
N PHE B 107 -5.28 17.21 -1.17
CA PHE B 107 -4.04 16.67 -1.73
C PHE B 107 -3.09 16.34 -0.59
N GLU B 108 -3.04 15.08 -0.23
CA GLU B 108 -2.14 14.64 0.83
C GLU B 108 -0.71 14.52 0.29
N CYS B 109 0.29 14.42 1.19
CA CYS B 109 1.66 14.26 0.71
C CYS B 109 1.82 12.87 0.10
N ASN B 110 2.75 12.73 -0.79
CA ASN B 110 2.92 11.49 -1.55
C ASN B 110 4.41 11.12 -1.60
N GLN B 111 4.75 10.09 -2.36
CA GLN B 111 6.09 9.53 -2.57
C GLN B 111 7.02 10.46 -3.36
N ALA B 112 6.49 11.54 -3.99
CA ALA B 112 7.33 12.52 -4.67
C ALA B 112 7.72 13.67 -3.73
N CYS B 113 7.00 13.86 -2.61
CA CYS B 113 7.30 14.86 -1.60
C CYS B 113 8.65 14.53 -0.93
N SER B 114 9.40 15.55 -0.54
CA SER B 114 10.71 15.35 0.09
C SER B 114 10.54 15.15 1.59
N CYS B 115 9.32 15.28 2.08
CA CYS B 115 8.97 15.15 3.50
C CYS B 115 9.01 13.72 3.99
N TRP B 116 8.98 13.53 5.31
CA TRP B 116 8.99 12.21 5.96
C TRP B 116 7.61 11.56 5.91
N ARG B 117 7.55 10.20 5.94
CA ARG B 117 6.27 9.45 5.92
C ARG B 117 5.32 9.85 7.07
N ASN B 118 5.86 10.44 8.14
CA ASN B 118 5.06 10.80 9.31
C ASN B 118 4.72 12.30 9.37
N CYS B 119 4.68 12.98 8.22
CA CYS B 119 4.33 14.39 8.17
C CYS B 119 2.83 14.62 8.49
N LYS B 120 2.43 15.88 8.79
CA LYS B 120 1.05 16.23 9.17
C LYS B 120 0.00 16.20 8.04
N ASN B 121 0.41 15.93 6.82
CA ASN B 121 -0.48 15.91 5.66
C ASN B 121 -0.65 14.48 5.06
N ARG B 122 -0.88 13.50 5.90
CA ARG B 122 -0.98 12.11 5.48
C ARG B 122 -1.99 11.35 6.34
N VAL B 123 -3.08 12.02 6.72
CA VAL B 123 -4.11 11.49 7.59
C VAL B 123 -4.84 10.28 7.03
N VAL B 124 -5.47 10.46 5.86
CA VAL B 124 -6.28 9.41 5.21
C VAL B 124 -5.42 8.20 4.83
N GLN B 125 -4.20 8.45 4.34
CA GLN B 125 -3.28 7.38 3.93
C GLN B 125 -2.75 6.54 5.09
N SER B 126 -2.91 7.02 6.33
CA SER B 126 -2.49 6.27 7.54
C SER B 126 -3.56 5.30 8.08
N GLY B 127 -4.73 5.23 7.43
CA GLY B 127 -5.79 4.30 7.79
C GLY B 127 -6.65 4.64 8.97
N ILE B 128 -7.45 3.63 9.38
CA ILE B 128 -8.44 3.74 10.45
C ILE B 128 -7.74 3.81 11.79
N LYS B 129 -8.14 4.79 12.61
CA LYS B 129 -7.62 4.92 13.97
C LYS B 129 -8.76 4.82 15.00
N VAL B 130 -10.00 5.19 14.64
CA VAL B 130 -11.13 5.15 15.57
C VAL B 130 -11.69 3.72 15.73
N ARG B 131 -12.25 3.36 16.90
CA ARG B 131 -12.81 2.02 17.14
C ARG B 131 -14.25 2.05 16.74
N LEU B 132 -14.58 1.25 15.73
CA LEU B 132 -15.91 1.14 15.13
C LEU B 132 -16.43 -0.23 15.30
N GLN B 133 -17.74 -0.36 15.15
CA GLN B 133 -18.35 -1.67 15.26
C GLN B 133 -19.40 -1.84 14.19
N LEU B 134 -19.46 -3.06 13.62
CA LEU B 134 -20.52 -3.39 12.66
C LEU B 134 -21.67 -3.93 13.54
N TYR B 135 -22.85 -3.35 13.42
CA TYR B 135 -23.93 -3.81 14.28
C TYR B 135 -25.24 -3.88 13.57
N ARG B 136 -26.20 -4.65 14.15
CA ARG B 136 -27.52 -4.77 13.54
C ARG B 136 -28.43 -3.67 14.07
N THR B 137 -28.96 -2.83 13.17
CA THR B 137 -29.89 -1.77 13.58
C THR B 137 -31.30 -2.37 13.70
N ALA B 138 -32.22 -1.61 14.30
CA ALA B 138 -33.60 -2.01 14.48
C ALA B 138 -34.39 -2.01 13.16
N LYS B 139 -34.13 -1.00 12.30
CA LYS B 139 -34.90 -0.85 11.07
C LYS B 139 -34.12 -0.80 9.74
N MET B 140 -32.80 -0.55 9.78
CA MET B 140 -32.00 -0.34 8.57
C MET B 140 -30.95 -1.43 8.28
N GLY B 141 -31.20 -2.65 8.74
CA GLY B 141 -30.29 -3.77 8.55
C GLY B 141 -29.04 -3.54 9.34
N TRP B 142 -27.85 -3.70 8.70
CA TRP B 142 -26.57 -3.47 9.38
C TRP B 142 -26.23 -2.00 9.38
N GLY B 143 -25.46 -1.58 10.36
CA GLY B 143 -25.05 -0.19 10.48
C GLY B 143 -23.68 -0.12 11.12
N VAL B 144 -23.12 1.06 11.17
CA VAL B 144 -21.79 1.25 11.77
C VAL B 144 -21.89 2.25 12.91
N ARG B 145 -21.38 1.90 14.08
CA ARG B 145 -21.38 2.84 15.20
C ARG B 145 -19.99 3.00 15.83
N ALA B 146 -19.78 4.12 16.51
CA ALA B 146 -18.54 4.43 17.22
C ALA B 146 -18.48 3.71 18.57
N LEU B 147 -17.32 3.11 18.90
CA LEU B 147 -17.09 2.45 20.19
C LEU B 147 -16.34 3.40 21.12
N GLN B 148 -16.29 4.68 20.73
CA GLN B 148 -15.58 5.72 21.45
C GLN B 148 -16.11 7.07 21.01
N THR B 149 -15.76 8.12 21.75
CA THR B 149 -16.12 9.48 21.42
C THR B 149 -15.20 9.92 20.27
N ILE B 150 -15.76 10.64 19.29
CA ILE B 150 -15.02 11.07 18.13
C ILE B 150 -15.15 12.57 18.00
N PRO B 151 -14.07 13.36 18.18
CA PRO B 151 -14.19 14.81 17.98
C PRO B 151 -14.48 15.16 16.54
N GLN B 152 -15.05 16.36 16.30
CA GLN B 152 -15.32 16.94 14.99
C GLN B 152 -14.05 17.00 14.10
N GLY B 153 -14.19 16.62 12.84
CA GLY B 153 -13.09 16.66 11.87
C GLY B 153 -12.13 15.48 11.91
N THR B 154 -12.47 14.43 12.66
CA THR B 154 -11.62 13.24 12.73
C THR B 154 -11.95 12.35 11.55
N PHE B 155 -10.90 11.73 10.94
CA PHE B 155 -11.03 10.79 9.83
C PHE B 155 -11.56 9.51 10.37
N ILE B 156 -12.56 8.98 9.70
CA ILE B 156 -13.20 7.76 10.17
C ILE B 156 -12.72 6.55 9.38
N CYS B 157 -13.04 6.51 8.10
CA CYS B 157 -12.72 5.42 7.18
C CYS B 157 -12.91 5.95 5.78
N GLU B 158 -12.46 5.17 4.81
CA GLU B 158 -12.55 5.48 3.39
C GLU B 158 -13.69 4.69 2.76
N TYR B 159 -14.39 5.26 1.78
CA TYR B 159 -15.40 4.48 1.05
C TYR B 159 -14.61 3.69 0.00
N VAL B 160 -14.33 2.42 0.27
CA VAL B 160 -13.53 1.55 -0.63
C VAL B 160 -14.47 0.58 -1.38
N GLY B 161 -14.16 0.35 -2.65
CA GLY B 161 -14.85 -0.62 -3.46
C GLY B 161 -14.21 -0.81 -4.82
N GLU B 162 -15.02 -1.32 -5.73
CA GLU B 162 -14.66 -1.60 -7.11
C GLU B 162 -14.82 -0.33 -7.95
N LEU B 163 -13.78 0.02 -8.74
CA LEU B 163 -13.83 1.20 -9.62
C LEU B 163 -14.51 0.88 -10.94
N ILE B 164 -15.59 1.63 -11.28
CA ILE B 164 -16.38 1.41 -12.49
C ILE B 164 -16.93 2.71 -13.12
N SER B 165 -17.30 2.62 -14.42
CA SER B 165 -17.85 3.79 -15.12
C SER B 165 -19.31 3.99 -14.71
N ASP B 166 -19.87 5.18 -14.94
CA ASP B 166 -21.27 5.49 -14.63
C ASP B 166 -22.19 4.63 -15.53
N ALA B 167 -21.72 4.30 -16.75
CA ALA B 167 -22.42 3.42 -17.70
C ALA B 167 -22.45 2.00 -17.16
N GLU B 168 -21.36 1.54 -16.52
CA GLU B 168 -21.30 0.20 -15.90
C GLU B 168 -22.22 0.17 -14.67
N ALA B 169 -22.28 1.29 -13.91
CA ALA B 169 -23.14 1.45 -12.72
C ALA B 169 -24.63 1.35 -13.06
N ASP B 170 -25.03 1.99 -14.17
CA ASP B 170 -26.39 1.99 -14.71
C ASP B 170 -26.89 0.58 -15.06
N VAL B 171 -25.98 -0.31 -15.50
CA VAL B 171 -26.30 -1.69 -15.88
C VAL B 171 -26.24 -2.71 -14.72
N ARG B 172 -25.73 -2.28 -13.55
CA ARG B 172 -25.57 -3.14 -12.36
C ARG B 172 -26.94 -3.49 -11.75
N GLU B 173 -27.14 -4.81 -11.44
CA GLU B 173 -28.37 -5.30 -10.82
C GLU B 173 -28.58 -4.61 -9.45
N ASP B 174 -27.54 -4.63 -8.57
CA ASP B 174 -27.58 -3.97 -7.27
C ASP B 174 -26.99 -2.55 -7.33
N ASP B 175 -27.82 -1.54 -7.08
CA ASP B 175 -27.41 -0.13 -7.09
C ASP B 175 -27.38 0.47 -5.66
N SER B 176 -27.31 -0.38 -4.63
CA SER B 176 -27.34 0.01 -3.22
C SER B 176 -26.02 0.53 -2.64
N TYR B 177 -24.85 0.12 -3.24
CA TYR B 177 -23.53 0.42 -2.72
C TYR B 177 -22.69 1.28 -3.65
N LEU B 178 -23.31 2.23 -4.32
CA LEU B 178 -22.60 3.06 -5.27
C LEU B 178 -22.26 4.41 -4.70
N PHE B 179 -21.03 4.87 -4.97
CA PHE B 179 -20.62 6.22 -4.62
C PHE B 179 -20.11 6.89 -5.89
N ASP B 180 -20.72 8.02 -6.26
CA ASP B 180 -20.34 8.77 -7.46
C ASP B 180 -19.09 9.58 -7.23
N LEU B 181 -18.10 9.44 -8.12
CA LEU B 181 -16.84 10.15 -7.97
C LEU B 181 -16.85 11.62 -8.36
N ASP B 182 -17.33 11.97 -9.56
CA ASP B 182 -17.39 13.38 -9.95
C ASP B 182 -18.75 14.06 -9.67
N VAL B 188 -17.13 10.54 -15.74
CA VAL B 188 -17.63 10.40 -14.37
C VAL B 188 -17.59 8.91 -13.98
N TYR B 189 -17.02 8.61 -12.80
CA TYR B 189 -16.85 7.23 -12.34
C TYR B 189 -17.52 6.97 -11.00
N CYS B 190 -17.64 5.71 -10.61
CA CYS B 190 -18.29 5.31 -9.35
C CYS B 190 -17.46 4.33 -8.60
N ILE B 191 -17.67 4.27 -7.28
CA ILE B 191 -17.09 3.19 -6.50
C ILE B 191 -18.32 2.35 -6.23
N ASP B 192 -18.24 1.07 -6.56
CA ASP B 192 -19.30 0.14 -6.25
C ASP B 192 -18.79 -0.76 -5.14
N ALA B 193 -19.38 -0.67 -3.96
CA ALA B 193 -18.95 -1.54 -2.84
C ALA B 193 -19.81 -2.82 -2.68
N ARG B 194 -20.65 -3.12 -3.68
CA ARG B 194 -21.51 -4.30 -3.62
C ARG B 194 -20.74 -5.60 -3.49
N TYR B 195 -19.74 -5.83 -4.34
CA TYR B 195 -19.00 -7.11 -4.34
C TYR B 195 -17.70 -7.06 -3.64
N TYR B 196 -17.05 -5.88 -3.70
CA TYR B 196 -15.77 -5.66 -3.05
C TYR B 196 -15.93 -4.40 -2.25
N GLY B 197 -15.68 -4.43 -0.95
CA GLY B 197 -15.85 -3.21 -0.16
C GLY B 197 -15.24 -3.29 1.21
N ASN B 198 -15.31 -2.18 1.97
CA ASN B 198 -14.75 -2.18 3.32
C ASN B 198 -15.90 -1.84 4.31
N ILE B 199 -15.60 -1.59 5.57
CA ILE B 199 -16.58 -1.21 6.59
C ILE B 199 -17.56 -0.10 6.18
N SER B 200 -17.13 0.82 5.32
CA SER B 200 -17.99 1.94 4.91
C SER B 200 -19.21 1.54 4.07
N ARG B 201 -19.19 0.32 3.46
CA ARG B 201 -20.34 -0.19 2.70
C ARG B 201 -21.53 -0.46 3.63
N PHE B 202 -21.29 -0.43 4.96
CA PHE B 202 -22.32 -0.65 5.96
C PHE B 202 -22.86 0.58 6.61
N ILE B 203 -22.35 1.76 6.22
CA ILE B 203 -22.79 3.03 6.77
C ILE B 203 -24.13 3.42 6.12
N ASN B 204 -25.16 3.65 6.96
CA ASN B 204 -26.52 3.99 6.57
C ASN B 204 -26.72 5.46 6.32
N HIS B 205 -27.79 5.82 5.60
CA HIS B 205 -28.15 7.21 5.35
C HIS B 205 -28.81 7.81 6.60
N LEU B 206 -28.52 9.09 6.89
CA LEU B 206 -29.12 9.84 7.97
C LEU B 206 -29.52 11.20 7.46
N CYS B 207 -30.78 11.64 7.74
CA CYS B 207 -31.25 12.97 7.33
C CYS B 207 -30.57 14.03 8.22
N ASP B 208 -30.09 13.61 9.41
CA ASP B 208 -29.30 14.42 10.33
C ASP B 208 -27.89 13.74 10.37
N PRO B 209 -27.01 13.98 9.34
CA PRO B 209 -25.74 13.23 9.30
C PRO B 209 -24.68 13.71 10.27
N ASN B 210 -23.79 12.79 10.71
CA ASN B 210 -22.67 13.09 11.59
C ASN B 210 -21.30 12.89 10.88
N ILE B 211 -21.29 12.49 9.58
CA ILE B 211 -20.06 12.33 8.79
C ILE B 211 -20.22 12.96 7.41
N ILE B 212 -19.11 13.49 6.87
CA ILE B 212 -19.13 14.09 5.53
C ILE B 212 -18.10 13.42 4.66
N PRO B 213 -18.45 13.13 3.40
CA PRO B 213 -17.45 12.51 2.51
C PRO B 213 -16.55 13.58 1.93
N VAL B 214 -15.25 13.27 1.80
CA VAL B 214 -14.27 14.22 1.23
C VAL B 214 -13.48 13.55 0.11
N ARG B 215 -13.27 14.28 -1.01
CA ARG B 215 -12.48 13.79 -2.14
C ARG B 215 -11.01 14.06 -1.81
N VAL B 216 -10.20 12.99 -1.73
CA VAL B 216 -8.79 13.01 -1.36
C VAL B 216 -7.92 12.39 -2.45
N PHE B 217 -6.72 12.93 -2.60
CA PHE B 217 -5.65 12.45 -3.50
C PHE B 217 -4.49 12.11 -2.67
N MET B 218 -3.91 10.95 -2.91
CA MET B 218 -2.76 10.50 -2.14
C MET B 218 -1.60 10.07 -3.03
N LEU B 219 -1.46 8.78 -3.32
CA LEU B 219 -0.39 8.20 -4.14
C LEU B 219 -0.46 8.57 -5.62
N HIS B 220 -1.63 8.99 -6.11
CA HIS B 220 -1.83 9.41 -7.50
C HIS B 220 -2.70 10.66 -7.47
N GLN B 221 -2.72 11.41 -8.56
CA GLN B 221 -3.50 12.65 -8.70
C GLN B 221 -4.35 12.66 -10.00
N ASP B 222 -4.86 11.49 -10.38
CA ASP B 222 -5.76 11.33 -11.54
C ASP B 222 -7.14 11.85 -11.09
N LEU B 223 -7.59 13.01 -11.62
CA LEU B 223 -8.85 13.64 -11.19
C LEU B 223 -10.17 12.88 -11.37
N ARG B 224 -10.13 11.80 -12.17
CA ARG B 224 -11.25 10.91 -12.47
C ARG B 224 -11.53 10.02 -11.25
N PHE B 225 -10.46 9.70 -10.48
CA PHE B 225 -10.49 8.80 -9.35
C PHE B 225 -10.08 9.34 -7.99
N PRO B 226 -10.83 10.32 -7.43
CA PRO B 226 -10.56 10.70 -6.04
C PRO B 226 -10.96 9.56 -5.10
N ARG B 227 -10.34 9.53 -3.94
CA ARG B 227 -10.65 8.57 -2.92
C ARG B 227 -11.57 9.27 -1.93
N ILE B 228 -12.59 8.56 -1.50
CA ILE B 228 -13.65 9.10 -0.63
C ILE B 228 -13.30 8.88 0.80
N ALA B 229 -13.10 9.95 1.55
CA ALA B 229 -12.76 9.83 2.96
C ALA B 229 -13.90 10.39 3.80
N PHE B 230 -14.32 9.65 4.86
CA PHE B 230 -15.34 10.19 5.74
C PHE B 230 -14.67 10.81 6.95
N PHE B 231 -15.12 12.03 7.28
CA PHE B 231 -14.70 12.79 8.46
C PHE B 231 -15.94 13.13 9.30
N SER B 232 -15.82 13.13 10.63
CA SER B 232 -16.95 13.53 11.50
C SER B 232 -17.26 15.03 11.30
N SER B 233 -18.53 15.38 11.02
CA SER B 233 -18.96 16.78 10.78
C SER B 233 -19.30 17.48 12.12
N ARG B 234 -19.30 16.71 13.21
CA ARG B 234 -19.53 17.19 14.57
C ARG B 234 -18.98 16.17 15.55
N ASP B 235 -18.94 16.50 16.84
CA ASP B 235 -18.46 15.56 17.86
C ASP B 235 -19.47 14.42 17.94
N ILE B 236 -18.97 13.20 17.93
CA ILE B 236 -19.80 11.99 17.93
C ILE B 236 -19.60 11.30 19.26
N ARG B 237 -20.71 10.86 19.89
CA ARG B 237 -20.70 10.18 21.18
C ARG B 237 -20.50 8.70 20.97
N THR B 238 -19.99 8.00 21.99
CA THR B 238 -19.81 6.53 21.99
C THR B 238 -21.19 5.89 21.79
N GLY B 239 -21.25 4.83 20.97
CA GLY B 239 -22.48 4.12 20.67
C GLY B 239 -23.34 4.74 19.58
N GLU B 240 -23.03 5.96 19.18
CA GLU B 240 -23.80 6.66 18.16
C GLU B 240 -23.54 6.07 16.75
N GLU B 241 -24.63 5.91 15.99
CA GLU B 241 -24.59 5.38 14.62
C GLU B 241 -23.99 6.41 13.68
N LEU B 242 -23.10 5.94 12.79
CA LEU B 242 -22.51 6.81 11.80
C LEU B 242 -23.39 6.82 10.58
N GLY B 243 -23.49 7.97 9.97
CA GLY B 243 -24.27 8.09 8.76
C GLY B 243 -24.03 9.39 8.05
N PHE B 244 -24.28 9.38 6.77
CA PHE B 244 -24.12 10.53 5.93
C PHE B 244 -25.34 10.73 5.04
N ASP B 245 -25.49 11.91 4.41
CA ASP B 245 -26.57 12.13 3.48
C ASP B 245 -26.23 11.48 2.15
N TYR B 246 -26.98 10.42 1.77
CA TYR B 246 -26.80 9.70 0.50
C TYR B 246 -27.09 10.58 -0.71
N GLY B 247 -27.84 11.66 -0.51
CA GLY B 247 -28.19 12.56 -1.59
C GLY B 247 -29.44 12.16 -2.34
N ASP B 248 -29.92 13.07 -3.22
CA ASP B 248 -31.14 12.88 -4.01
C ASP B 248 -31.11 11.84 -5.10
N ARG B 249 -29.96 11.59 -5.73
CA ARG B 249 -29.84 10.58 -6.79
C ARG B 249 -30.27 9.18 -6.30
N PHE B 250 -29.84 8.81 -5.07
CA PHE B 250 -30.21 7.54 -4.46
C PHE B 250 -31.71 7.55 -4.11
N TRP B 251 -32.16 8.61 -3.41
CA TRP B 251 -33.53 8.72 -2.94
C TRP B 251 -34.60 8.90 -4.00
N ASP B 252 -34.24 9.32 -5.21
CA ASP B 252 -35.18 9.44 -6.32
C ASP B 252 -35.43 8.04 -6.94
N ILE B 253 -34.42 7.17 -6.93
CA ILE B 253 -34.51 5.81 -7.46
C ILE B 253 -35.16 4.89 -6.44
N LYS B 254 -34.64 4.92 -5.21
CA LYS B 254 -34.98 4.03 -4.11
C LYS B 254 -36.28 4.24 -3.39
N SER B 255 -36.79 5.48 -3.33
CA SER B 255 -38.04 5.76 -2.59
C SER B 255 -39.27 4.93 -3.01
N LYS B 256 -39.37 4.59 -4.31
CA LYS B 256 -40.41 3.76 -4.91
C LYS B 256 -40.42 2.36 -4.29
N TYR B 257 -39.25 1.89 -3.77
CA TYR B 257 -39.09 0.54 -3.20
C TYR B 257 -39.10 0.50 -1.67
N PHE B 258 -38.60 1.57 -1.01
CA PHE B 258 -38.54 1.69 0.45
C PHE B 258 -38.36 3.14 0.85
N THR B 259 -38.67 3.45 2.10
CA THR B 259 -38.57 4.80 2.62
C THR B 259 -37.56 4.90 3.77
N CYS B 260 -37.18 6.14 4.13
CA CYS B 260 -36.20 6.40 5.17
C CYS B 260 -36.69 6.10 6.59
N GLN B 261 -35.93 5.25 7.30
CA GLN B 261 -36.18 4.81 8.67
C GLN B 261 -35.26 5.48 9.71
N CYS B 262 -34.61 6.61 9.35
CA CYS B 262 -33.71 7.29 10.29
C CYS B 262 -34.40 7.75 11.58
N GLY B 263 -35.71 8.02 11.47
CA GLY B 263 -36.58 8.41 12.58
C GLY B 263 -36.26 9.75 13.20
N SER B 264 -35.50 10.61 12.52
CA SER B 264 -35.20 11.94 13.03
C SER B 264 -36.35 12.89 12.76
N GLU B 265 -36.49 13.93 13.60
CA GLU B 265 -37.51 14.98 13.46
C GLU B 265 -37.33 15.78 12.16
N LYS B 266 -36.11 15.72 11.57
CA LYS B 266 -35.74 16.42 10.34
C LYS B 266 -35.77 15.54 9.07
N CYS B 267 -36.22 14.27 9.19
CA CYS B 267 -36.30 13.30 8.08
C CYS B 267 -37.03 13.83 6.85
N LYS B 268 -36.37 13.77 5.70
CA LYS B 268 -36.89 14.29 4.43
C LYS B 268 -37.21 13.17 3.47
N HIS B 269 -37.10 11.89 3.92
CA HIS B 269 -37.34 10.75 3.03
C HIS B 269 -38.17 9.60 3.64
N SER B 270 -38.84 9.84 4.80
CA SER B 270 -39.62 8.90 5.66
C SER B 270 -40.73 7.93 5.18
N ALA B 271 -41.64 8.40 4.29
CA ALA B 271 -42.91 7.84 3.74
C ALA B 271 -43.93 8.93 4.03
N GLU B 272 -43.94 9.42 5.28
CA GLU B 272 -44.74 10.53 5.77
C GLU B 272 -44.30 11.82 5.07
N ALA B 273 -43.01 12.18 5.20
CA ALA B 273 -42.40 13.35 4.55
C ALA B 273 -42.68 13.33 3.04
N ILE B 274 -42.60 12.12 2.43
CA ILE B 274 -42.87 11.89 1.00
C ILE B 274 -44.35 12.19 0.70
N ALA B 275 -45.28 11.64 1.54
CA ALA B 275 -46.73 11.85 1.41
C ALA B 275 -47.13 13.32 1.60
N LEU B 276 -46.51 14.02 2.57
CA LEU B 276 -46.75 15.45 2.87
C LEU B 276 -46.35 16.41 1.74
N GLU B 277 -45.21 16.16 1.04
CA GLU B 277 -44.75 17.04 -0.05
C GLU B 277 -45.53 16.78 -1.34
N GLN B 278 -45.95 15.51 -1.57
CA GLN B 278 -46.78 15.08 -2.71
C GLN B 278 -48.19 15.72 -2.59
N SER B 279 -48.68 15.89 -1.33
CA SER B 279 -49.95 16.52 -0.98
C SER B 279 -49.82 18.05 -0.88
N ARG B 280 -48.60 18.57 -0.56
CA ARG B 280 -48.32 20.00 -0.41
C ARG B 280 -48.69 20.80 -1.66
N LEU B 281 -48.39 20.27 -2.86
CA LEU B 281 -48.70 20.90 -4.14
C LEU B 281 -50.23 21.06 -4.39
N ALA B 282 -50.98 19.94 -4.34
CA ALA B 282 -52.43 19.91 -4.54
C ALA B 282 -53.18 20.30 -3.26
N1 2OD C . 22.64 -4.67 -11.29
N3 2OD C . 19.02 -3.62 -20.54
C4 2OD C . 22.09 -3.35 -18.65
C5 2OD C . 21.21 -4.24 -17.93
C6 2OD C . 21.58 -4.84 -16.71
C7 2OD C . 22.87 -4.47 -16.18
C8 2OD C . 22.27 -5.83 -14.25
C10 2OD C . 23.59 -5.56 -12.02
C13 2OD C . 21.07 -4.15 -9.58
C15 2OD C . 20.05 -3.69 -19.69
C17 2OD C . 22.15 -3.28 -21.28
C16 2OD C . 21.40 -2.96 -19.94
C19 2OD C . 21.31 -1.45 -20.39
C18 2OD C . 22.26 -1.76 -21.59
C3 2OD C . 23.35 -3.00 -18.17
N2 2OD C . 19.98 -4.41 -18.56
C2 2OD C . 23.76 -3.56 -16.91
O1 2OD C . 24.98 -3.32 -16.32
C1 2OD C . 25.96 -2.51 -16.96
O2 2OD C . 23.24 -4.96 -14.93
C9 2OD C . 22.96 -6.54 -13.06
C14 2OD C . 21.76 -5.34 -10.26
C12 2OD C . 22.21 -3.11 -9.47
C11 2OD C . 23.24 -3.50 -10.57
N SAH D . 28.70 1.57 -4.31
CA SAH D . 27.46 2.02 -4.96
CB SAH D . 26.20 1.17 -4.66
CG SAH D . 25.97 0.01 -5.61
SD SAH D . 25.44 0.54 -7.28
C SAH D . 27.34 3.52 -4.52
O SAH D . 26.39 4.19 -5.09
OXT SAH D . 28.12 3.99 -3.71
C5' SAH D . 26.58 -0.35 -8.37
C4' SAH D . 27.90 0.38 -8.50
O4' SAH D . 28.71 0.29 -7.29
C3' SAH D . 28.79 -0.19 -9.61
O3' SAH D . 28.46 0.31 -10.89
C2' SAH D . 30.18 0.23 -9.13
O2' SAH D . 30.38 1.63 -9.35
C1' SAH D . 30.05 -0.04 -7.63
N9 SAH D . 30.32 -1.42 -7.25
C8 SAH D . 29.41 -2.39 -6.89
N7 SAH D . 29.93 -3.56 -6.64
C5 SAH D . 31.29 -3.37 -6.85
C6 SAH D . 32.40 -4.23 -6.76
N6 SAH D . 32.33 -5.50 -6.35
N1 SAH D . 33.62 -3.71 -7.05
C2 SAH D . 33.72 -2.42 -7.40
N3 SAH D . 32.74 -1.52 -7.51
C4 SAH D . 31.55 -2.05 -7.22
ZN ZN E . -3.65 -16.93 -1.09
ZN ZN F . -4.06 -19.88 0.92
ZN ZN G . -2.95 -16.57 2.63
ZN ZN H . 34.83 -9.95 -6.93
N SAH I . -27.97 -1.41 5.94
CA SAH I . -27.10 -1.73 4.80
CB SAH I . -25.80 -0.87 4.71
CG SAH I . -25.91 0.39 3.86
SD SAH I . -26.08 0.05 2.08
C SAH I . -26.84 -3.27 4.95
O SAH I . -27.37 -3.90 5.84
OXT SAH I . -26.06 -3.78 4.06
C5' SAH I . -27.53 1.07 1.63
C4' SAH I . -28.82 0.33 1.94
O4' SAH I . -29.10 0.26 3.37
C3' SAH I . -30.05 1.00 1.35
O3' SAH I . -30.29 0.71 -0.02
C2' SAH I . -31.16 0.48 2.25
O2' SAH I . -31.41 -0.89 1.93
C1' SAH I . -30.45 0.58 3.62
N9 SAH I . -30.53 1.91 4.23
C8 SAH I . -29.51 2.81 4.36
N7 SAH I . -29.84 3.94 4.94
C5 SAH I . -31.19 3.77 5.22
C6 SAH I . -32.17 4.63 5.77
N6 SAH I . -31.88 5.81 6.33
N1 SAH I . -33.45 4.18 5.81
C2 SAH I . -33.72 2.96 5.36
N3 SAH I . -32.88 2.05 4.85
C4 SAH I . -31.63 2.52 4.79
N1 2OD J . -24.73 5.60 -1.82
N3 2OD J . -25.02 6.23 -12.07
C4 2OD J . -26.84 5.38 -9.01
C5 2OD J . -25.72 6.15 -8.63
C6 2OD J . -25.49 6.46 -7.30
C7 2OD J . -26.42 5.99 -6.33
C8 2OD J . -26.02 7.59 -4.58
C10 2OD J . -25.80 6.57 -2.20
C13 2OD J . -23.83 3.85 -0.49
C15 2OD J . -25.49 6.02 -10.81
C17 2OD J . -26.83 3.71 -10.99
C16 2OD J . -26.77 5.18 -10.50
C19 2OD J . -28.01 5.49 -11.36
C18 2OD J . -28.27 3.96 -11.49
C3 2OD J . -27.78 4.92 -8.07
N2 2OD J . -24.90 6.55 -9.73
C2 2OD J . -27.57 5.23 -6.71
O1 2OD J . -28.41 4.81 -5.66
C1 2OD J . -29.60 4.07 -5.93
O2 2OD J . -26.10 6.22 -5.00
C9 2OD J . -25.22 7.55 -3.27
C14 2OD J . -25.16 4.44 -1.02
C12 2OD J . -22.75 4.92 -0.73
C11 2OD J . -23.56 6.16 -1.07
ZN ZN K . 4.47 16.10 3.79
ZN ZN L . 4.89 19.68 2.67
ZN ZN M . 3.87 17.00 0.23
ZN ZN N . -34.48 10.10 7.25
#